data_1GT3
#
_entry.id   1GT3
#
_cell.length_a   55.589
_cell.length_b   65.206
_cell.length_c   42.153
_cell.angle_alpha   90.00
_cell.angle_beta   98.32
_cell.angle_gamma   90.00
#
_symmetry.space_group_name_H-M   'P 1 21 1'
#
loop_
_entity.id
_entity.type
_entity.pdbx_description
1 polymer 'ODORANT-BINDING PROTEIN'
2 non-polymer 2,6-DIMETHYL-7-OCTEN-2-OL
3 non-polymer (3S)-1-octen-3-ol
4 water water
#
_entity_poly.entity_id   1
_entity_poly.type   'polypeptide(L)'
_entity_poly.pdbx_seq_one_letter_code
;AQEEEAEQNLSELSGPWRTVYIGSTNPEKIQENGPFRTYFRELVFDDEKGTVDFYFSVKRDGKWKNVHVKATKQDDGTYV
ADYEGQNVFKIVSLSRTHLVAHNINVDKHGQTTELTELFVKLNVEDEDLEKFWKLTEDKGIDKKNVVNFLENENHPHPE
;
_entity_poly.pdbx_strand_id   A,B
#
# COMPACT_ATOMS: atom_id res chain seq x y z
N ALA A 1 27.32 -6.20 -33.89
CA ALA A 1 26.86 -5.43 -32.70
C ALA A 1 25.61 -6.06 -32.11
N GLN A 2 25.59 -6.25 -30.80
CA GLN A 2 24.42 -6.84 -30.17
C GLN A 2 23.46 -5.66 -29.96
N GLU A 3 22.75 -5.67 -28.85
CA GLU A 3 21.83 -4.59 -28.55
C GLU A 3 22.65 -3.35 -28.16
N GLU A 4 21.97 -2.20 -28.05
CA GLU A 4 22.64 -0.96 -27.68
C GLU A 4 22.28 -0.60 -26.25
N GLU A 5 23.09 0.25 -25.63
CA GLU A 5 22.89 0.69 -24.25
C GLU A 5 21.48 1.25 -24.02
N ALA A 6 20.97 1.09 -22.80
CA ALA A 6 19.64 1.58 -22.48
C ALA A 6 19.69 2.79 -21.55
N GLU A 7 19.10 3.91 -22.00
CA GLU A 7 19.05 5.12 -21.20
C GLU A 7 18.14 4.81 -20.02
N GLN A 8 18.73 4.62 -18.85
CA GLN A 8 17.97 4.27 -17.66
C GLN A 8 17.81 5.36 -16.60
N ASN A 9 16.56 5.75 -16.35
CA ASN A 9 16.24 6.74 -15.33
C ASN A 9 15.09 6.22 -14.48
N LEU A 10 15.42 5.41 -13.49
CA LEU A 10 14.42 4.82 -12.59
C LEU A 10 14.41 5.44 -11.20
N SER A 11 15.34 6.36 -10.96
CA SER A 11 15.43 7.05 -9.67
C SER A 11 14.06 7.58 -9.29
N GLU A 12 13.35 8.04 -10.31
CA GLU A 12 12.02 8.61 -10.22
C GLU A 12 11.02 7.67 -9.53
N LEU A 13 11.12 6.37 -9.83
CA LEU A 13 10.20 5.39 -9.28
C LEU A 13 10.40 4.99 -7.83
N SER A 14 11.43 5.53 -7.18
CA SER A 14 11.69 5.20 -5.78
C SER A 14 10.52 5.66 -4.90
N GLY A 15 10.22 4.86 -3.87
CA GLY A 15 9.14 5.21 -2.97
C GLY A 15 8.47 3.99 -2.39
N PRO A 16 7.30 4.16 -1.77
CA PRO A 16 6.58 3.03 -1.19
C PRO A 16 5.91 2.17 -2.26
N TRP A 17 6.16 0.86 -2.19
CA TRP A 17 5.58 -0.09 -3.13
C TRP A 17 4.94 -1.21 -2.32
N ARG A 18 3.94 -1.86 -2.93
CA ARG A 18 3.24 -2.95 -2.27
C ARG A 18 3.12 -4.17 -3.17
N THR A 19 3.12 -5.35 -2.56
CA THR A 19 2.98 -6.59 -3.30
C THR A 19 1.50 -6.83 -3.61
N VAL A 20 1.21 -7.20 -4.85
CA VAL A 20 -0.17 -7.50 -5.25
C VAL A 20 -0.24 -9.02 -5.43
N TYR A 21 0.59 -9.57 -6.31
CA TYR A 21 0.62 -11.02 -6.54
C TYR A 21 2.04 -11.54 -6.68
N ILE A 22 2.24 -12.79 -6.26
CA ILE A 22 3.52 -13.47 -6.44
C ILE A 22 3.14 -14.91 -6.80
N GLY A 23 3.74 -15.43 -7.87
CA GLY A 23 3.48 -16.79 -8.29
C GLY A 23 4.81 -17.55 -8.21
N SER A 24 4.77 -18.86 -8.05
CA SER A 24 6.00 -19.63 -7.96
C SER A 24 5.89 -21.03 -8.55
N THR A 25 6.97 -21.50 -9.18
CA THR A 25 6.97 -22.83 -9.76
C THR A 25 7.02 -23.87 -8.64
N ASN A 26 7.42 -23.41 -7.45
CA ASN A 26 7.50 -24.24 -6.25
C ASN A 26 6.65 -23.55 -5.18
N PRO A 27 5.41 -24.05 -4.96
CA PRO A 27 4.50 -23.46 -3.98
C PRO A 27 5.03 -23.31 -2.55
N GLU A 28 5.93 -24.19 -2.13
CA GLU A 28 6.50 -24.15 -0.80
C GLU A 28 7.18 -22.82 -0.49
N LYS A 29 7.81 -22.24 -1.52
CA LYS A 29 8.54 -20.97 -1.36
C LYS A 29 7.64 -19.78 -1.02
N ILE A 30 6.36 -19.85 -1.38
CA ILE A 30 5.46 -18.73 -1.09
C ILE A 30 4.31 -19.05 -0.13
N GLN A 31 4.24 -20.30 0.31
CA GLN A 31 3.21 -20.69 1.27
C GLN A 31 3.58 -20.05 2.60
N GLU A 32 2.66 -20.07 3.55
CA GLU A 32 2.93 -19.49 4.85
C GLU A 32 4.29 -19.98 5.36
N ASN A 33 5.08 -19.05 5.88
CA ASN A 33 6.41 -19.32 6.40
C ASN A 33 7.43 -19.48 5.28
N GLY A 34 7.01 -19.27 4.04
CA GLY A 34 7.93 -19.39 2.91
C GLY A 34 8.83 -18.18 2.80
N PRO A 35 10.07 -18.33 2.29
CA PRO A 35 10.96 -17.18 2.18
C PRO A 35 10.56 -16.10 1.17
N PHE A 36 9.76 -16.47 0.19
CA PHE A 36 9.35 -15.48 -0.80
C PHE A 36 7.94 -14.95 -0.66
N ARG A 37 7.35 -15.15 0.52
CA ARG A 37 6.01 -14.64 0.82
C ARG A 37 6.31 -13.25 1.36
N THR A 38 6.82 -12.40 0.47
CA THR A 38 7.27 -11.06 0.82
C THR A 38 6.32 -9.90 0.61
N TYR A 39 6.07 -9.16 1.67
CA TYR A 39 5.21 -7.98 1.61
C TYR A 39 6.14 -6.77 1.44
N PHE A 40 6.19 -6.24 0.23
CA PHE A 40 7.04 -5.09 -0.06
C PHE A 40 6.60 -3.85 0.73
N ARG A 41 7.57 -2.98 1.00
CA ARG A 41 7.31 -1.74 1.72
C ARG A 41 7.88 -0.56 0.93
N GLU A 42 9.14 -0.70 0.52
CA GLU A 42 9.81 0.37 -0.21
C GLU A 42 10.84 -0.14 -1.21
N LEU A 43 11.02 0.62 -2.29
CA LEU A 43 12.01 0.31 -3.31
C LEU A 43 12.74 1.60 -3.61
N VAL A 44 14.08 1.53 -3.65
CA VAL A 44 14.89 2.69 -3.95
C VAL A 44 15.83 2.34 -5.10
N PHE A 45 15.70 3.08 -6.19
CA PHE A 45 16.50 2.88 -7.38
C PHE A 45 17.60 3.94 -7.47
N ASP A 46 18.82 3.52 -7.74
CA ASP A 46 19.95 4.44 -7.88
C ASP A 46 20.53 4.24 -9.28
N ASP A 47 20.28 5.21 -10.16
CA ASP A 47 20.75 5.14 -11.55
C ASP A 47 22.24 5.29 -11.73
N GLU A 48 22.91 5.95 -10.79
CA GLU A 48 24.35 6.14 -10.89
C GLU A 48 25.12 4.90 -10.47
N LYS A 49 24.68 4.26 -9.39
CA LYS A 49 25.34 3.06 -8.89
C LYS A 49 24.75 1.83 -9.55
N GLY A 50 23.62 2.02 -10.23
CA GLY A 50 22.97 0.91 -10.91
C GLY A 50 22.47 -0.17 -9.96
N THR A 51 21.86 0.24 -8.86
CA THR A 51 21.34 -0.72 -7.89
C THR A 51 19.88 -0.47 -7.54
N VAL A 52 19.31 -1.44 -6.84
CA VAL A 52 17.93 -1.36 -6.37
C VAL A 52 17.96 -1.90 -4.96
N ASP A 53 17.44 -1.13 -4.01
CA ASP A 53 17.37 -1.60 -2.64
C ASP A 53 15.93 -2.01 -2.35
N PHE A 54 15.77 -3.23 -1.87
CA PHE A 54 14.45 -3.79 -1.55
C PHE A 54 14.24 -3.77 -0.04
N TYR A 55 13.09 -3.25 0.39
CA TYR A 55 12.75 -3.25 1.81
C TYR A 55 11.40 -3.95 1.88
N PHE A 56 11.36 -5.10 2.54
CA PHE A 56 10.12 -5.86 2.66
C PHE A 56 10.05 -6.58 3.98
N SER A 57 8.89 -7.15 4.27
CA SER A 57 8.67 -7.90 5.51
C SER A 57 8.25 -9.31 5.20
N VAL A 58 8.71 -10.26 6.01
CA VAL A 58 8.37 -11.66 5.83
C VAL A 58 8.23 -12.29 7.20
N LYS A 59 7.33 -13.26 7.32
CA LYS A 59 7.13 -13.94 8.59
C LYS A 59 7.98 -15.20 8.59
N ARG A 60 8.82 -15.36 9.62
CA ARG A 60 9.69 -16.52 9.73
C ARG A 60 9.64 -17.14 11.11
N ASP A 61 9.24 -18.41 11.17
CA ASP A 61 9.19 -19.13 12.43
C ASP A 61 8.26 -18.42 13.42
N GLY A 62 7.13 -17.95 12.92
CA GLY A 62 6.17 -17.26 13.78
C GLY A 62 6.60 -15.87 14.19
N LYS A 63 7.60 -15.32 13.52
CA LYS A 63 8.09 -13.98 13.81
C LYS A 63 8.21 -13.12 12.56
N TRP A 64 7.86 -11.84 12.69
CA TRP A 64 7.95 -10.93 11.56
C TRP A 64 9.33 -10.30 11.47
N LYS A 65 9.88 -10.30 10.26
CA LYS A 65 11.19 -9.73 10.00
C LYS A 65 11.17 -8.65 8.93
N ASN A 66 11.94 -7.59 9.15
CA ASN A 66 12.06 -6.51 8.18
C ASN A 66 13.38 -6.77 7.47
N VAL A 67 13.30 -7.01 6.17
CA VAL A 67 14.48 -7.32 5.38
C VAL A 67 14.89 -6.23 4.39
N HIS A 68 16.20 -6.09 4.21
CA HIS A 68 16.78 -5.14 3.28
C HIS A 68 17.72 -5.91 2.35
N VAL A 69 17.46 -5.83 1.05
CA VAL A 69 18.27 -6.51 0.05
C VAL A 69 18.75 -5.53 -1.01
N LYS A 70 20.02 -5.66 -1.37
CA LYS A 70 20.65 -4.80 -2.36
C LYS A 70 20.88 -5.57 -3.64
N ALA A 71 20.31 -5.10 -4.75
CA ALA A 71 20.49 -5.76 -6.03
C ALA A 71 21.37 -4.92 -6.94
N THR A 72 22.23 -5.57 -7.71
CA THR A 72 23.13 -4.87 -8.60
C THR A 72 22.84 -5.23 -10.06
N LYS A 73 22.75 -4.22 -10.90
CA LYS A 73 22.48 -4.41 -12.31
C LYS A 73 23.69 -5.00 -13.03
N GLN A 74 23.44 -5.68 -14.14
CA GLN A 74 24.50 -6.29 -14.92
C GLN A 74 24.39 -5.83 -16.37
N ASP A 75 25.44 -6.09 -17.15
CA ASP A 75 25.46 -5.73 -18.56
C ASP A 75 24.25 -6.38 -19.22
N ASP A 76 23.86 -7.52 -18.67
CA ASP A 76 22.73 -8.29 -19.15
C ASP A 76 21.46 -7.45 -19.11
N GLY A 77 21.35 -6.62 -18.07
CA GLY A 77 20.17 -5.78 -17.90
C GLY A 77 19.40 -6.30 -16.70
N THR A 78 19.75 -7.51 -16.30
CA THR A 78 19.11 -8.15 -15.16
C THR A 78 19.82 -7.68 -13.90
N TYR A 79 19.28 -8.06 -12.75
CA TYR A 79 19.87 -7.69 -11.48
C TYR A 79 20.17 -8.97 -10.71
N VAL A 80 21.21 -8.92 -9.89
CA VAL A 80 21.58 -10.07 -9.08
C VAL A 80 21.57 -9.66 -7.62
N ALA A 81 21.19 -10.58 -6.76
CA ALA A 81 21.13 -10.30 -5.33
C ALA A 81 21.16 -11.58 -4.52
N ASP A 82 21.62 -11.48 -3.29
CA ASP A 82 21.67 -12.62 -2.38
C ASP A 82 20.53 -12.54 -1.38
N TYR A 83 19.72 -13.59 -1.35
CA TYR A 83 18.58 -13.71 -0.45
C TYR A 83 18.08 -15.15 -0.58
N GLU A 84 18.19 -15.91 0.51
CA GLU A 84 17.75 -17.30 0.49
C GLU A 84 18.32 -17.98 -0.74
N GLY A 85 19.59 -17.69 -1.02
CA GLY A 85 20.27 -18.25 -2.17
C GLY A 85 20.72 -17.15 -3.11
N GLN A 86 20.93 -17.50 -4.38
CA GLN A 86 21.34 -16.53 -5.37
C GLN A 86 20.13 -16.21 -6.24
N ASN A 87 19.99 -14.94 -6.62
CA ASN A 87 18.86 -14.54 -7.43
C ASN A 87 19.24 -13.75 -8.66
N VAL A 88 18.49 -13.98 -9.74
CA VAL A 88 18.68 -13.26 -10.99
C VAL A 88 17.27 -12.80 -11.31
N PHE A 89 17.10 -11.48 -11.21
N PHE A 89 16.99 -11.52 -11.19
CA PHE A 89 15.84 -10.74 -11.33
CA PHE A 89 15.66 -11.12 -11.57
C PHE A 89 15.68 -9.87 -12.60
C PHE A 89 15.71 -10.11 -12.68
N LYS A 90 14.58 -10.01 -13.34
CA LYS A 90 14.40 -9.15 -14.50
C LYS A 90 13.10 -8.38 -14.43
N ILE A 91 13.15 -7.11 -14.80
CA ILE A 91 11.96 -6.27 -14.82
C ILE A 91 11.36 -6.42 -16.22
N VAL A 92 10.20 -7.04 -16.28
CA VAL A 92 9.53 -7.28 -17.55
C VAL A 92 8.70 -6.08 -18.00
N SER A 93 7.96 -5.49 -17.08
CA SER A 93 7.13 -4.33 -17.39
C SER A 93 7.24 -3.33 -16.24
N LEU A 94 7.40 -2.05 -16.56
CA LEU A 94 7.55 -1.05 -15.53
C LEU A 94 7.01 0.31 -15.92
N SER A 95 6.31 0.96 -14.99
CA SER A 95 5.76 2.29 -15.23
C SER A 95 5.75 3.03 -13.90
N ARG A 96 5.16 4.21 -13.89
N ARG A 96 5.15 4.22 -13.89
CA ARG A 96 5.09 5.03 -12.69
CA ARG A 96 5.08 5.03 -12.69
C ARG A 96 4.22 4.43 -11.60
C ARG A 96 4.21 4.42 -11.59
N THR A 97 3.40 3.44 -11.95
CA THR A 97 2.52 2.82 -10.98
C THR A 97 2.64 1.31 -10.79
N HIS A 98 3.26 0.62 -11.73
CA HIS A 98 3.37 -0.84 -11.59
C HIS A 98 4.72 -1.39 -12.00
N LEU A 99 4.98 -2.60 -11.52
CA LEU A 99 6.20 -3.34 -11.82
C LEU A 99 5.84 -4.80 -11.95
N VAL A 100 6.21 -5.41 -13.07
CA VAL A 100 5.97 -6.83 -13.29
C VAL A 100 7.37 -7.40 -13.43
N ALA A 101 7.74 -8.32 -12.55
CA ALA A 101 9.08 -8.89 -12.60
C ALA A 101 9.10 -10.41 -12.58
N HIS A 102 10.24 -10.95 -13.02
CA HIS A 102 10.48 -12.38 -13.08
C HIS A 102 11.78 -12.62 -12.29
N ASN A 103 11.76 -13.59 -11.38
CA ASN A 103 12.94 -13.89 -10.57
C ASN A 103 13.30 -15.36 -10.59
N ILE A 104 14.59 -15.65 -10.73
CA ILE A 104 15.07 -17.02 -10.71
C ILE A 104 15.92 -17.17 -9.44
N ASN A 105 15.51 -18.09 -8.59
CA ASN A 105 16.22 -18.34 -7.34
C ASN A 105 16.78 -19.75 -7.31
N VAL A 106 18.00 -19.86 -6.79
CA VAL A 106 18.66 -21.16 -6.65
C VAL A 106 19.04 -21.22 -5.18
N ASP A 107 18.41 -22.11 -4.43
CA ASP A 107 18.70 -22.20 -3.01
C ASP A 107 19.99 -22.95 -2.71
N LYS A 108 20.31 -23.07 -1.42
CA LYS A 108 21.53 -23.73 -0.97
C LYS A 108 21.63 -25.21 -1.35
N HIS A 109 20.56 -25.76 -1.94
CA HIS A 109 20.56 -27.15 -2.34
C HIS A 109 20.51 -27.28 -3.86
N GLY A 110 20.79 -26.17 -4.54
CA GLY A 110 20.79 -26.17 -5.99
C GLY A 110 19.41 -26.22 -6.62
N GLN A 111 18.36 -26.12 -5.81
CA GLN A 111 16.99 -26.16 -6.31
C GLN A 111 16.66 -24.84 -6.99
N THR A 112 16.13 -24.92 -8.21
CA THR A 112 15.75 -23.74 -8.98
C THR A 112 14.26 -23.45 -8.88
N THR A 113 13.92 -22.20 -8.58
CA THR A 113 12.52 -21.79 -8.47
C THR A 113 12.33 -20.50 -9.27
N GLU A 114 11.32 -20.47 -10.13
CA GLU A 114 11.04 -19.26 -10.89
C GLU A 114 9.81 -18.60 -10.29
N LEU A 115 9.87 -17.28 -10.10
CA LEU A 115 8.76 -16.55 -9.52
C LEU A 115 8.40 -15.37 -10.39
N THR A 116 7.12 -15.00 -10.36
CA THR A 116 6.62 -13.87 -11.11
C THR A 116 5.95 -12.99 -10.08
N GLU A 117 5.92 -11.69 -10.34
CA GLU A 117 5.29 -10.80 -9.37
C GLU A 117 4.77 -9.52 -9.95
N LEU A 118 3.75 -8.98 -9.27
CA LEU A 118 3.14 -7.73 -9.66
C LEU A 118 3.17 -6.86 -8.41
N PHE A 119 3.77 -5.69 -8.52
CA PHE A 119 3.84 -4.76 -7.39
C PHE A 119 3.27 -3.43 -7.84
N VAL A 120 2.66 -2.70 -6.93
CA VAL A 120 2.09 -1.41 -7.28
C VAL A 120 2.66 -0.33 -6.39
N LYS A 121 2.82 0.86 -6.95
CA LYS A 121 3.38 1.96 -6.19
C LYS A 121 2.33 2.85 -5.56
N LEU A 122 2.59 3.28 -4.34
CA LEU A 122 1.69 4.17 -3.62
C LEU A 122 2.20 5.59 -3.90
N ASN A 123 1.58 6.23 -4.88
CA ASN A 123 1.97 7.57 -5.27
C ASN A 123 1.27 8.66 -4.47
N VAL A 124 2.06 9.57 -3.91
CA VAL A 124 1.51 10.69 -3.14
C VAL A 124 1.91 11.96 -3.88
N GLU A 125 0.93 12.61 -4.49
CA GLU A 125 1.16 13.83 -5.27
C GLU A 125 1.38 15.09 -4.43
N ASP A 126 2.24 15.98 -4.92
CA ASP A 126 2.54 17.22 -4.23
C ASP A 126 1.29 18.08 -4.07
N GLU A 127 0.43 18.10 -5.07
CA GLU A 127 -0.80 18.87 -5.01
C GLU A 127 -1.68 18.44 -3.85
N ASP A 128 -1.78 17.12 -3.65
CA ASP A 128 -2.60 16.58 -2.56
C ASP A 128 -1.97 16.79 -1.19
N LEU A 129 -0.64 16.66 -1.12
CA LEU A 129 0.06 16.89 0.14
C LEU A 129 -0.13 18.36 0.55
N GLU A 130 -0.03 19.26 -0.41
CA GLU A 130 -0.20 20.68 -0.13
C GLU A 130 -1.60 20.95 0.40
N LYS A 131 -2.60 20.31 -0.19
CA LYS A 131 -3.99 20.47 0.24
C LYS A 131 -4.14 20.01 1.68
N PHE A 132 -3.50 18.90 2.03
CA PHE A 132 -3.57 18.37 3.39
C PHE A 132 -2.92 19.31 4.40
N TRP A 133 -1.72 19.78 4.07
CA TRP A 133 -1.01 20.67 4.98
C TRP A 133 -1.74 22.00 5.20
N LYS A 134 -2.37 22.51 4.15
CA LYS A 134 -3.10 23.76 4.27
C LYS A 134 -4.31 23.57 5.19
N LEU A 135 -5.07 22.51 4.94
CA LEU A 135 -6.25 22.19 5.75
C LEU A 135 -5.82 21.99 7.19
N THR A 136 -4.74 21.25 7.38
CA THR A 136 -4.23 20.97 8.71
C THR A 136 -3.87 22.27 9.43
N GLU A 137 -3.24 23.19 8.70
N GLU A 137 -3.24 23.19 8.69
CA GLU A 137 -2.86 24.48 9.25
CA GLU A 137 -2.86 24.47 9.26
C GLU A 137 -4.12 25.28 9.56
C GLU A 137 -4.13 25.28 9.57
N ASP A 138 -5.11 25.20 8.68
CA ASP A 138 -6.38 25.91 8.87
C ASP A 138 -7.08 25.49 10.15
N LYS A 139 -6.97 24.22 10.50
CA LYS A 139 -7.61 23.71 11.72
C LYS A 139 -6.76 23.88 12.98
N GLY A 140 -5.67 24.65 12.83
CA GLY A 140 -4.79 24.92 13.97
C GLY A 140 -4.06 23.72 14.53
N ILE A 141 -3.80 22.72 13.70
CA ILE A 141 -3.11 21.52 14.15
C ILE A 141 -1.60 21.66 13.99
N ASP A 142 -0.87 21.35 15.05
CA ASP A 142 0.59 21.46 15.07
C ASP A 142 1.24 20.30 14.29
N LYS A 143 2.29 20.59 13.53
CA LYS A 143 2.98 19.57 12.73
C LYS A 143 3.38 18.35 13.55
N LYS A 144 3.70 18.56 14.81
CA LYS A 144 4.10 17.47 15.69
C LYS A 144 2.89 16.61 16.10
N ASN A 145 1.69 17.06 15.76
CA ASN A 145 0.49 16.29 16.08
C ASN A 145 -0.07 15.62 14.83
N VAL A 146 0.84 15.30 13.91
CA VAL A 146 0.50 14.61 12.67
C VAL A 146 1.32 13.33 12.64
N VAL A 147 0.64 12.21 12.35
CA VAL A 147 1.30 10.92 12.31
C VAL A 147 1.46 10.41 10.88
N ASN A 148 2.65 9.89 10.58
CA ASN A 148 2.96 9.34 9.26
C ASN A 148 2.66 7.83 9.33
N PHE A 149 1.69 7.38 8.54
CA PHE A 149 1.30 5.98 8.51
C PHE A 149 2.01 5.17 7.41
N LEU A 150 2.77 5.84 6.57
CA LEU A 150 3.46 5.15 5.48
C LEU A 150 4.79 4.56 5.93
N GLU A 151 5.49 5.28 6.79
CA GLU A 151 6.75 4.81 7.32
C GLU A 151 6.61 4.75 8.83
N ASN A 152 6.01 3.66 9.31
CA ASN A 152 5.81 3.51 10.74
C ASN A 152 5.89 2.05 11.18
N GLU A 153 6.75 1.79 12.16
CA GLU A 153 6.95 0.44 12.68
C GLU A 153 5.69 -0.23 13.21
N ASN A 154 4.91 0.52 13.99
N ASN A 154 4.92 0.51 13.99
CA ASN A 154 3.70 -0.03 14.57
CA ASN A 154 3.69 0.00 14.57
C ASN A 154 2.57 -0.08 13.52
C ASN A 154 2.55 -0.08 13.54
N HIS A 155 2.44 -1.24 12.88
CA HIS A 155 1.41 -1.44 11.86
C HIS A 155 0.77 -2.83 11.93
N PRO A 156 -0.43 -2.99 11.35
CA PRO A 156 -1.14 -4.27 11.36
C PRO A 156 -0.39 -5.39 10.63
N HIS A 157 -0.72 -6.64 10.98
CA HIS A 157 -0.09 -7.79 10.35
C HIS A 157 -1.05 -8.43 9.35
N PRO A 158 -0.57 -8.69 8.13
CA PRO A 158 -1.41 -9.29 7.10
C PRO A 158 -1.69 -10.76 7.36
N GLU A 159 -0.96 -11.35 8.30
CA GLU A 159 -1.11 -12.75 8.65
C GLU A 159 -0.33 -13.11 9.91
N GLU B 3 -5.35 3.11 -26.23
CA GLU B 3 -5.42 4.03 -25.07
C GLU B 3 -6.84 4.24 -24.58
N GLU B 4 -7.15 3.73 -23.39
CA GLU B 4 -8.50 3.88 -22.85
C GLU B 4 -8.50 3.93 -21.32
N GLU B 5 -9.50 4.61 -20.77
CA GLU B 5 -9.65 4.72 -19.34
C GLU B 5 -11.08 4.42 -18.93
N ALA B 6 -11.24 3.68 -17.84
CA ALA B 6 -12.56 3.32 -17.35
C ALA B 6 -13.41 4.56 -17.13
N GLU B 7 -14.71 4.41 -17.31
CA GLU B 7 -15.64 5.51 -17.12
C GLU B 7 -15.61 5.94 -15.66
N GLN B 8 -15.64 7.25 -15.42
CA GLN B 8 -15.61 7.79 -14.07
C GLN B 8 -16.93 7.61 -13.33
N ASN B 9 -16.88 6.83 -12.25
CA ASN B 9 -18.04 6.56 -11.41
C ASN B 9 -17.58 6.68 -9.96
N LEU B 10 -18.45 7.16 -9.08
CA LEU B 10 -18.09 7.30 -7.68
C LEU B 10 -17.80 5.91 -7.10
N SER B 11 -18.53 4.91 -7.60
CA SER B 11 -18.35 3.53 -7.16
C SER B 11 -17.03 2.97 -7.67
N GLU B 12 -16.47 3.63 -8.68
CA GLU B 12 -15.20 3.19 -9.24
C GLU B 12 -14.08 3.55 -8.26
N LEU B 13 -14.40 4.42 -7.31
CA LEU B 13 -13.43 4.86 -6.31
C LEU B 13 -13.31 3.84 -5.20
N SER B 14 -14.28 2.93 -5.12
CA SER B 14 -14.29 1.89 -4.10
C SER B 14 -13.11 0.96 -4.30
N GLY B 15 -12.60 0.40 -3.20
CA GLY B 15 -11.48 -0.51 -3.31
C GLY B 15 -10.45 -0.30 -2.21
N PRO B 16 -9.24 -0.79 -2.40
CA PRO B 16 -8.21 -0.62 -1.37
C PRO B 16 -7.69 0.81 -1.26
N TRP B 17 -7.70 1.32 -0.03
CA TRP B 17 -7.20 2.66 0.27
C TRP B 17 -6.24 2.56 1.44
N ARG B 18 -5.30 3.48 1.52
CA ARG B 18 -4.32 3.48 2.60
C ARG B 18 -4.17 4.85 3.25
N THR B 19 -3.91 4.86 4.56
CA THR B 19 -3.72 6.11 5.29
C THR B 19 -2.30 6.62 5.05
N VAL B 20 -2.17 7.92 4.83
CA VAL B 20 -0.83 8.49 4.67
C VAL B 20 -0.53 9.33 5.90
N TYR B 21 -1.39 10.33 6.15
CA TYR B 21 -1.23 11.20 7.30
C TYR B 21 -2.57 11.43 7.98
N ILE B 22 -2.53 11.61 9.29
CA ILE B 22 -3.71 11.97 10.08
C ILE B 22 -3.21 12.95 11.13
N GLY B 23 -3.88 14.10 11.22
CA GLY B 23 -3.51 15.11 12.21
C GLY B 23 -4.67 15.26 13.19
N SER B 24 -4.39 15.69 14.41
CA SER B 24 -5.44 15.86 15.43
C SER B 24 -5.22 17.06 16.36
N THR B 25 -6.31 17.73 16.73
CA THR B 25 -6.21 18.86 17.65
C THR B 25 -5.90 18.32 19.06
N ASN B 26 -6.24 17.05 19.28
CA ASN B 26 -5.99 16.39 20.55
C ASN B 26 -5.07 15.21 20.24
N PRO B 27 -3.77 15.36 20.53
CA PRO B 27 -2.78 14.30 20.26
C PRO B 27 -3.12 12.92 20.82
N GLU B 28 -3.78 12.89 21.97
CA GLU B 28 -4.14 11.62 22.60
C GLU B 28 -5.00 10.71 21.73
N LYS B 29 -5.80 11.30 20.85
CA LYS B 29 -6.66 10.52 19.97
C LYS B 29 -5.93 9.72 18.90
N ILE B 30 -4.70 10.13 18.58
CA ILE B 30 -3.94 9.44 17.56
C ILE B 30 -2.62 8.82 18.03
N GLN B 31 -2.38 8.88 19.34
CA GLN B 31 -1.19 8.28 19.94
C GLN B 31 -1.45 6.78 19.98
N GLU B 32 -0.41 6.01 20.27
CA GLU B 32 -0.58 4.55 20.34
C GLU B 32 -1.77 4.25 21.23
N ASN B 33 -2.62 3.32 20.78
CA ASN B 33 -3.84 2.94 21.48
C ASN B 33 -4.93 4.00 21.40
N GLY B 34 -4.71 5.03 20.58
CA GLY B 34 -5.70 6.07 20.39
C GLY B 34 -6.73 5.55 19.40
N PRO B 35 -8.02 5.92 19.56
CA PRO B 35 -9.07 5.44 18.64
C PRO B 35 -9.00 5.92 17.19
N PHE B 36 -8.27 6.99 16.92
CA PHE B 36 -8.18 7.49 15.54
C PHE B 36 -6.84 7.24 14.84
N ARG B 37 -6.03 6.34 15.39
CA ARG B 37 -4.75 5.98 14.77
C ARG B 37 -5.17 4.81 13.85
N THR B 38 -5.97 5.16 12.86
CA THR B 38 -6.55 4.20 11.94
C THR B 38 -5.80 3.90 10.65
N TYR B 39 -5.53 2.62 10.42
CA TYR B 39 -4.88 2.17 9.19
C TYR B 39 -5.98 1.71 8.25
N PHE B 40 -6.26 2.48 7.22
CA PHE B 40 -7.32 2.10 6.27
C PHE B 40 -7.01 0.84 5.46
N ARG B 41 -8.08 0.13 5.11
CA ARG B 41 -7.99 -1.11 4.31
C ARG B 41 -8.76 -0.92 3.01
N GLU B 42 -10.04 -0.60 3.13
CA GLU B 42 -10.91 -0.42 1.97
C GLU B 42 -12.01 0.57 2.24
N LEU B 43 -12.50 1.22 1.18
CA LEU B 43 -13.61 2.14 1.26
C LEU B 43 -14.57 1.72 0.17
N VAL B 44 -15.86 1.75 0.47
CA VAL B 44 -16.88 1.40 -0.51
C VAL B 44 -17.84 2.56 -0.59
N PHE B 45 -17.94 3.16 -1.78
CA PHE B 45 -18.84 4.29 -1.98
C PHE B 45 -20.09 3.79 -2.68
N ASP B 46 -21.26 4.25 -2.23
CA ASP B 46 -22.52 3.85 -2.83
C ASP B 46 -23.33 5.10 -3.17
N ASP B 47 -23.33 5.46 -4.45
CA ASP B 47 -24.03 6.64 -4.95
C ASP B 47 -25.52 6.57 -4.68
N GLU B 48 -26.10 5.39 -4.88
CA GLU B 48 -27.53 5.16 -4.69
C GLU B 48 -28.01 5.43 -3.27
N LYS B 49 -27.36 4.79 -2.29
CA LYS B 49 -27.75 4.96 -0.90
C LYS B 49 -27.17 6.20 -0.25
N GLY B 50 -26.14 6.77 -0.86
CA GLY B 50 -25.51 7.94 -0.28
C GLY B 50 -24.74 7.54 0.96
N THR B 51 -23.99 6.44 0.86
CA THR B 51 -23.21 5.96 2.00
C THR B 51 -21.77 5.69 1.62
N VAL B 52 -20.93 5.59 2.63
CA VAL B 52 -19.53 5.24 2.45
C VAL B 52 -19.25 4.25 3.56
N ASP B 53 -18.73 3.08 3.22
CA ASP B 53 -18.42 2.08 4.23
C ASP B 53 -16.91 2.15 4.42
N PHE B 54 -16.48 2.29 5.67
CA PHE B 54 -15.07 2.37 6.03
C PHE B 54 -14.61 1.06 6.65
N TYR B 55 -13.45 0.58 6.21
CA TYR B 55 -12.86 -0.64 6.77
C TYR B 55 -11.45 -0.26 7.16
N PHE B 56 -11.15 -0.39 8.44
CA PHE B 56 -9.83 -0.04 8.90
C PHE B 56 -9.42 -0.88 10.09
N SER B 57 -8.18 -0.72 10.51
CA SER B 57 -7.65 -1.45 11.64
C SER B 57 -7.09 -0.45 12.64
N VAL B 58 -7.30 -0.75 13.92
CA VAL B 58 -6.81 0.12 14.98
C VAL B 58 -6.38 -0.75 16.16
N LYS B 59 -5.30 -0.33 16.80
CA LYS B 59 -4.76 -1.08 17.92
C LYS B 59 -5.37 -0.59 19.24
N ARG B 60 -5.96 -1.52 19.98
CA ARG B 60 -6.60 -1.21 21.26
C ARG B 60 -6.24 -2.26 22.30
N ASP B 61 -5.73 -1.81 23.45
CA ASP B 61 -5.32 -2.71 24.53
C ASP B 61 -4.20 -3.63 24.06
N GLY B 62 -3.29 -3.08 23.26
CA GLY B 62 -2.18 -3.88 22.79
C GLY B 62 -2.45 -4.71 21.55
N LYS B 63 -3.69 -4.77 21.07
CA LYS B 63 -3.95 -5.56 19.87
C LYS B 63 -4.77 -4.93 18.78
N TRP B 64 -4.50 -5.38 17.57
CA TRP B 64 -5.15 -4.89 16.38
C TRP B 64 -6.57 -5.41 16.21
N LYS B 65 -7.48 -4.48 15.96
CA LYS B 65 -8.88 -4.80 15.77
C LYS B 65 -9.31 -4.35 14.38
N ASN B 66 -10.15 -5.14 13.72
CA ASN B 66 -10.67 -4.78 12.41
C ASN B 66 -12.03 -4.13 12.67
N VAL B 67 -12.21 -2.91 12.17
CA VAL B 67 -13.44 -2.17 12.41
C VAL B 67 -14.14 -1.75 11.11
N HIS B 68 -15.47 -1.75 11.15
CA HIS B 68 -16.27 -1.32 10.00
C HIS B 68 -17.21 -0.22 10.48
N VAL B 69 -17.25 0.89 9.73
CA VAL B 69 -18.11 2.01 10.05
C VAL B 69 -18.85 2.47 8.80
N LYS B 70 -20.15 2.72 8.94
CA LYS B 70 -20.99 3.14 7.83
C LYS B 70 -21.36 4.60 8.02
N ALA B 71 -20.98 5.46 7.09
CA ALA B 71 -21.31 6.88 7.20
C ALA B 71 -22.45 7.17 6.24
N THR B 72 -23.35 8.07 6.64
CA THR B 72 -24.48 8.42 5.78
C THR B 72 -24.39 9.90 5.39
N LYS B 73 -24.58 10.16 4.12
CA LYS B 73 -24.49 11.52 3.60
C LYS B 73 -25.70 12.38 3.94
N GLN B 74 -25.45 13.66 4.19
CA GLN B 74 -26.52 14.60 4.50
C GLN B 74 -26.76 15.48 3.28
N ASP B 75 -27.82 16.28 3.33
CA ASP B 75 -28.17 17.18 2.24
C ASP B 75 -27.04 18.16 1.94
N ASP B 76 -26.37 18.65 2.99
CA ASP B 76 -25.28 19.60 2.81
C ASP B 76 -24.03 18.93 2.24
N GLY B 77 -24.13 17.65 1.93
CA GLY B 77 -22.99 16.93 1.38
C GLY B 77 -22.02 16.33 2.38
N THR B 78 -22.16 16.66 3.66
CA THR B 78 -21.27 16.10 4.68
C THR B 78 -21.80 14.72 5.04
N TYR B 79 -21.01 13.95 5.79
CA TYR B 79 -21.43 12.62 6.20
C TYR B 79 -21.42 12.49 7.73
N VAL B 80 -22.31 11.67 8.26
CA VAL B 80 -22.36 11.43 9.68
C VAL B 80 -22.10 9.96 9.96
N ALA B 81 -21.41 9.68 11.06
CA ALA B 81 -21.07 8.32 11.41
C ALA B 81 -20.91 8.15 12.91
N ASP B 82 -21.21 6.95 13.40
CA ASP B 82 -21.06 6.61 14.81
C ASP B 82 -19.77 5.85 15.00
N TYR B 83 -18.85 6.41 15.77
CA TYR B 83 -17.57 5.76 16.05
C TYR B 83 -16.90 6.56 17.15
N GLU B 84 -16.74 5.94 18.32
CA GLU B 84 -16.13 6.59 19.48
C GLU B 84 -16.77 7.96 19.69
N GLY B 85 -18.10 7.99 19.61
CA GLY B 85 -18.83 9.24 19.76
C GLY B 85 -19.48 9.59 18.42
N GLN B 86 -19.88 10.85 18.26
CA GLN B 86 -20.51 11.28 17.01
C GLN B 86 -19.50 11.98 16.10
N ASN B 87 -19.59 11.70 14.80
CA ASN B 87 -18.67 12.30 13.83
C ASN B 87 -19.40 12.93 12.65
N VAL B 88 -18.84 14.02 12.17
CA VAL B 88 -19.33 14.72 10.98
C VAL B 88 -18.05 14.81 10.16
N PHE B 89 -18.09 14.11 9.03
N PHE B 89 -18.00 14.10 9.05
CA PHE B 89 -16.97 13.94 8.10
CA PHE B 89 -16.80 14.20 8.27
C PHE B 89 -17.13 14.74 6.79
C PHE B 89 -17.11 14.80 6.91
N LYS B 90 -16.16 15.59 6.46
CA LYS B 90 -16.25 16.34 5.22
C LYS B 90 -15.12 16.03 4.26
N ILE B 91 -15.48 15.73 3.02
CA ILE B 91 -14.49 15.44 2.00
C ILE B 91 -14.06 16.77 1.39
N VAL B 92 -12.80 17.12 1.58
CA VAL B 92 -12.26 18.39 1.09
C VAL B 92 -11.74 18.29 -0.35
N SER B 93 -11.18 17.14 -0.68
CA SER B 93 -10.67 16.89 -2.02
C SER B 93 -10.75 15.38 -2.27
N LEU B 94 -11.21 15.00 -3.46
CA LEU B 94 -11.36 13.59 -3.80
C LEU B 94 -11.14 13.33 -5.28
N SER B 95 -10.30 12.34 -5.59
CA SER B 95 -10.03 11.96 -6.95
C SER B 95 -9.78 10.47 -7.02
N ARG B 96 -9.47 9.99 -8.21
CA ARG B 96 -9.20 8.59 -8.46
C ARG B 96 -8.07 8.04 -7.60
N THR B 97 -7.19 8.92 -7.12
CA THR B 97 -6.06 8.45 -6.34
C THR B 97 -5.90 9.00 -4.92
N HIS B 98 -6.63 10.05 -4.56
CA HIS B 98 -6.48 10.60 -3.23
C HIS B 98 -7.77 11.09 -2.57
N LEU B 99 -7.69 11.23 -1.25
CA LEU B 99 -8.80 11.72 -0.45
C LEU B 99 -8.24 12.55 0.69
N VAL B 100 -8.72 13.78 0.81
CA VAL B 100 -8.31 14.68 1.89
C VAL B 100 -9.63 14.95 2.59
N ALA B 101 -9.67 14.76 3.89
CA ALA B 101 -10.90 14.97 4.64
C ALA B 101 -10.67 15.64 5.99
N HIS B 102 -11.75 16.18 6.53
CA HIS B 102 -11.77 16.85 7.82
C HIS B 102 -12.89 16.19 8.62
N ASN B 103 -12.57 15.72 9.82
CA ASN B 103 -13.57 15.05 10.67
C ASN B 103 -13.71 15.77 12.01
N ILE B 104 -14.95 15.95 12.44
CA ILE B 104 -15.22 16.57 13.74
C ILE B 104 -15.79 15.44 14.61
N ASN B 105 -15.13 15.17 15.73
CA ASN B 105 -15.59 14.12 16.65
C ASN B 105 -15.94 14.68 18.03
N VAL B 106 -17.09 14.25 18.55
CA VAL B 106 -17.49 14.66 19.90
C VAL B 106 -17.68 13.34 20.63
N ASP B 107 -16.84 13.08 21.64
CA ASP B 107 -16.91 11.80 22.36
C ASP B 107 -17.96 11.69 23.46
N LYS B 108 -17.97 10.54 24.15
CA LYS B 108 -18.94 10.29 25.22
C LYS B 108 -18.88 11.24 26.40
N HIS B 109 -17.94 12.18 26.38
CA HIS B 109 -17.83 13.15 27.47
C HIS B 109 -18.03 14.58 27.01
N GLY B 110 -18.48 14.74 25.75
CA GLY B 110 -18.71 16.07 25.22
C GLY B 110 -17.47 16.79 24.75
N GLN B 111 -16.34 16.07 24.71
CA GLN B 111 -15.07 16.62 24.27
C GLN B 111 -14.98 16.62 22.75
N THR B 112 -14.63 17.77 22.17
CA THR B 112 -14.53 17.90 20.72
C THR B 112 -13.09 17.81 20.19
N THR B 113 -12.91 17.02 19.12
CA THR B 113 -11.59 16.88 18.50
C THR B 113 -11.77 17.04 17.00
N GLU B 114 -10.86 17.78 16.36
CA GLU B 114 -10.95 17.92 14.92
C GLU B 114 -9.73 17.21 14.33
N LEU B 115 -9.98 16.45 13.28
CA LEU B 115 -8.93 15.67 12.63
C LEU B 115 -8.87 15.94 11.15
N THR B 116 -7.69 15.78 10.58
CA THR B 116 -7.49 15.96 9.15
C THR B 116 -6.78 14.70 8.69
N GLU B 117 -7.04 14.30 7.44
CA GLU B 117 -6.41 13.10 6.94
C GLU B 117 -6.15 13.10 5.44
N LEU B 118 -5.15 12.33 5.05
CA LEU B 118 -4.79 12.18 3.66
C LEU B 118 -4.72 10.69 3.41
N PHE B 119 -5.48 10.21 2.44
CA PHE B 119 -5.53 8.80 2.09
C PHE B 119 -5.26 8.65 0.62
N VAL B 120 -4.64 7.54 0.25
CA VAL B 120 -4.32 7.26 -1.14
C VAL B 120 -4.91 5.91 -1.55
N LYS B 121 -5.33 5.82 -2.80
CA LYS B 121 -5.90 4.59 -3.28
C LYS B 121 -4.87 3.72 -3.98
N LEU B 122 -4.98 2.41 -3.80
CA LEU B 122 -4.07 1.49 -4.47
C LEU B 122 -4.78 1.06 -5.74
N ASN B 123 -4.28 1.52 -6.88
CA ASN B 123 -4.90 1.18 -8.16
C ASN B 123 -4.18 0.10 -8.94
N VAL B 124 -4.93 -0.95 -9.29
CA VAL B 124 -4.37 -2.04 -10.08
C VAL B 124 -5.09 -2.01 -11.43
N GLU B 125 -4.35 -1.65 -12.48
CA GLU B 125 -4.89 -1.55 -13.83
C GLU B 125 -5.08 -2.91 -14.53
N ASP B 126 -6.08 -2.98 -15.39
CA ASP B 126 -6.37 -4.20 -16.14
C ASP B 126 -5.20 -4.71 -16.97
N GLU B 127 -4.58 -3.85 -17.75
CA GLU B 127 -3.45 -4.30 -18.58
C GLU B 127 -2.27 -4.78 -17.76
N ASP B 128 -2.10 -4.24 -16.56
CA ASP B 128 -0.98 -4.66 -15.73
C ASP B 128 -1.27 -6.06 -15.20
N LEU B 129 -2.54 -6.33 -14.86
CA LEU B 129 -2.92 -7.65 -14.40
C LEU B 129 -2.73 -8.65 -15.52
N GLU B 130 -3.07 -8.26 -16.75
CA GLU B 130 -2.93 -9.16 -17.88
C GLU B 130 -1.47 -9.48 -18.14
N LYS B 131 -0.61 -8.47 -18.03
CA LYS B 131 0.82 -8.68 -18.24
C LYS B 131 1.34 -9.68 -17.22
N PHE B 132 0.88 -9.54 -15.98
CA PHE B 132 1.30 -10.45 -14.93
C PHE B 132 0.85 -11.87 -15.21
N TRP B 133 -0.42 -12.06 -15.57
CA TRP B 133 -0.91 -13.40 -15.83
C TRP B 133 -0.27 -14.04 -17.06
N LYS B 134 0.04 -13.24 -18.07
CA LYS B 134 0.66 -13.76 -19.28
C LYS B 134 2.06 -14.28 -18.94
N LEU B 135 2.83 -13.47 -18.21
CA LEU B 135 4.17 -13.86 -17.81
C LEU B 135 4.12 -15.10 -16.92
N THR B 136 3.10 -15.17 -16.07
CA THR B 136 2.95 -16.29 -15.17
C THR B 136 2.67 -17.56 -15.95
N GLU B 137 1.85 -17.48 -16.99
CA GLU B 137 1.58 -18.69 -17.75
C GLU B 137 2.76 -19.04 -18.65
N ASP B 138 3.54 -18.02 -19.06
CA ASP B 138 4.71 -18.26 -19.89
C ASP B 138 5.73 -19.12 -19.11
N LYS B 139 5.76 -18.93 -17.79
CA LYS B 139 6.70 -19.67 -16.96
C LYS B 139 6.16 -20.99 -16.43
N GLY B 140 5.00 -21.40 -16.93
CA GLY B 140 4.42 -22.66 -16.50
C GLY B 140 3.99 -22.71 -15.05
N ILE B 141 3.59 -21.57 -14.51
CA ILE B 141 3.14 -21.51 -13.12
C ILE B 141 1.63 -21.70 -13.06
N ASP B 142 1.20 -22.66 -12.24
CA ASP B 142 -0.22 -22.95 -12.08
C ASP B 142 -0.90 -21.82 -11.30
N LYS B 143 -2.13 -21.50 -11.67
CA LYS B 143 -2.88 -20.44 -11.00
C LYS B 143 -3.06 -20.65 -9.50
N LYS B 144 -3.04 -21.90 -9.07
CA LYS B 144 -3.19 -22.20 -7.66
C LYS B 144 -1.93 -21.96 -6.88
N ASN B 145 -0.86 -21.70 -7.61
CA ASN B 145 0.43 -21.44 -7.00
C ASN B 145 0.73 -19.94 -7.03
N VAL B 146 -0.33 -19.16 -6.92
CA VAL B 146 -0.25 -17.71 -6.92
C VAL B 146 -0.97 -17.18 -5.68
N VAL B 147 -0.30 -16.30 -4.95
CA VAL B 147 -0.86 -15.71 -3.74
C VAL B 147 -1.27 -14.26 -3.96
N ASN B 148 -2.42 -13.88 -3.42
CA ASN B 148 -2.92 -12.52 -3.51
C ASN B 148 -2.57 -11.83 -2.20
N PHE B 149 -1.49 -11.05 -2.22
CA PHE B 149 -1.03 -10.35 -1.02
C PHE B 149 -1.92 -9.16 -0.67
N LEU B 150 -2.48 -8.52 -1.70
CA LEU B 150 -3.32 -7.36 -1.48
C LEU B 150 -4.57 -7.66 -0.65
N GLU B 151 -5.23 -8.79 -0.92
CA GLU B 151 -6.41 -9.13 -0.15
C GLU B 151 -6.03 -9.57 1.26
N ASN B 152 -4.79 -10.02 1.44
CA ASN B 152 -4.35 -10.42 2.78
C ASN B 152 -4.23 -9.13 3.61
N GLU B 153 -3.58 -8.12 3.04
CA GLU B 153 -3.43 -6.85 3.74
C GLU B 153 -4.79 -6.17 3.96
N ASN B 154 -5.75 -6.37 3.06
CA ASN B 154 -7.07 -5.77 3.18
C ASN B 154 -7.93 -6.48 4.22
N HIS B 155 -7.51 -7.66 4.62
CA HIS B 155 -8.23 -8.44 5.61
C HIS B 155 -7.24 -9.04 6.61
N PRO B 156 -6.60 -8.19 7.44
CA PRO B 156 -5.62 -8.65 8.44
C PRO B 156 -6.26 -9.31 9.66
N HIS B 157 -5.42 -9.61 10.66
CA HIS B 157 -5.92 -10.22 11.89
C HIS B 157 -5.00 -9.96 13.07
N PRO B 158 -5.31 -10.45 14.17
#